data_6HXU
#
_entry.id   6HXU
#
_cell.length_a   38.890
_cell.length_b   61.460
_cell.length_c   76.690
_cell.angle_alpha   90.000
_cell.angle_beta   90.000
_cell.angle_gamma   90.000
#
_symmetry.space_group_name_H-M   'P 2 21 21'
#
loop_
_entity.id
_entity.type
_entity.pdbx_description
1 polymer 'Rho-related GTP-binding protein RhoB'
2 non-polymer "GUANOSINE-5'-TRIPHOSPHATE"
3 non-polymer 'MAGNESIUM ION'
4 water water
#
_entity_poly.entity_id   1
_entity_poly.type   'polypeptide(L)'
_entity_poly.pdbx_seq_one_letter_code
;MAAIRKKLVVVGDGACGKTCLLIVFSKDEFPEVYVPTVFENYVADIEVDGKQVELALWDTAGLEDYDRLRPLSYPDTDVI
LMCFSVDSPDSLENIPEKWVPEVKHFCPNVPIILVANKKDLRSDEHVRTELARMKQEPVRTDDGRAMAVRIQAYDYLECS
AKTKEGVREVFETATRAALQKRY
;
_entity_poly.pdbx_strand_id   A
#
loop_
_chem_comp.id
_chem_comp.type
_chem_comp.name
_chem_comp.formula
GTP non-polymer GUANOSINE-5'-TRIPHOSPHATE 'C10 H16 N5 O14 P3'
MG non-polymer 'MAGNESIUM ION' 'Mg 2'
#
# COMPACT_ATOMS: atom_id res chain seq x y z
N ALA A 2 -25.92 3.02 9.84
CA ALA A 2 -25.58 1.60 9.79
C ALA A 2 -24.58 1.34 8.66
N ALA A 3 -23.40 1.93 8.77
CA ALA A 3 -22.39 1.77 7.73
C ALA A 3 -21.76 0.38 7.80
N ILE A 4 -21.34 -0.10 6.64
CA ILE A 4 -20.66 -1.38 6.52
CA ILE A 4 -20.67 -1.39 6.59
C ILE A 4 -19.21 -1.20 6.96
N ARG A 5 -18.71 -2.06 7.84
CA ARG A 5 -17.33 -1.98 8.31
C ARG A 5 -16.45 -2.85 7.42
N LYS A 6 -15.30 -2.31 7.01
CA LYS A 6 -14.30 -3.10 6.30
C LYS A 6 -12.91 -2.76 6.82
N LYS A 7 -12.05 -3.79 6.86
CA LYS A 7 -10.69 -3.71 7.40
C LYS A 7 -9.67 -3.72 6.25
N LEU A 8 -8.84 -2.69 6.23
CA LEU A 8 -7.75 -2.55 5.27
C LEU A 8 -6.44 -2.61 6.03
N VAL A 9 -5.49 -3.37 5.52
CA VAL A 9 -4.15 -3.45 6.11
C VAL A 9 -3.15 -3.03 5.03
N VAL A 10 -2.19 -2.19 5.38
CA VAL A 10 -1.12 -1.78 4.46
C VAL A 10 0.19 -2.40 4.90
N VAL A 11 0.95 -2.94 3.95
CA VAL A 11 2.26 -3.54 4.17
C VAL A 11 3.22 -3.08 3.09
N GLY A 12 4.51 -3.25 3.36
CA GLY A 12 5.57 -2.93 2.42
C GLY A 12 6.79 -2.42 3.15
N ASP A 13 7.88 -2.28 2.41
CA ASP A 13 9.17 -1.96 3.03
C ASP A 13 9.13 -0.69 3.89
N GLY A 14 10.04 -0.67 4.87
CA GLY A 14 10.23 0.52 5.66
C GLY A 14 10.48 1.72 4.79
N ALA A 15 9.86 2.84 5.15
CA ALA A 15 10.00 4.13 4.53
C ALA A 15 9.45 4.21 3.11
N CYS A 16 8.66 3.24 2.66
CA CYS A 16 8.12 3.31 1.30
C CYS A 16 6.87 4.18 1.18
N GLY A 17 6.39 4.79 2.25
CA GLY A 17 5.30 5.76 2.17
C GLY A 17 3.94 5.32 2.68
N LYS A 18 3.87 4.22 3.43
CA LYS A 18 2.59 3.68 3.89
C LYS A 18 1.83 4.67 4.78
N THR A 19 2.48 5.18 5.82
CA THR A 19 1.80 6.04 6.76
C THR A 19 1.36 7.33 6.11
N CYS A 20 2.22 7.94 5.33
CA CYS A 20 1.81 9.17 4.67
C CYS A 20 0.62 8.93 3.77
N LEU A 21 0.56 7.79 3.08
CA LEU A 21 -0.60 7.50 2.24
C LEU A 21 -1.86 7.43 3.09
N LEU A 22 -1.81 6.67 4.18
CA LEU A 22 -3.00 6.51 5.03
C LEU A 22 -3.42 7.81 5.68
N ILE A 23 -2.49 8.63 6.12
CA ILE A 23 -2.83 9.87 6.82
C ILE A 23 -3.26 10.94 5.84
N VAL A 24 -2.64 11.05 4.66
CA VAL A 24 -3.18 11.98 3.69
C VAL A 24 -4.62 11.62 3.35
N PHE A 25 -4.90 10.33 3.12
CA PHE A 25 -6.26 9.93 2.83
C PHE A 25 -7.21 10.22 3.98
N SER A 26 -6.85 9.85 5.19
CA SER A 26 -7.80 9.90 6.30
C SER A 26 -7.89 11.28 6.95
N LYS A 27 -6.85 12.09 6.89
CA LYS A 27 -6.77 13.35 7.62
C LYS A 27 -6.51 14.53 6.70
N ASP A 28 -6.13 14.29 5.46
CA ASP A 28 -5.68 15.35 4.57
C ASP A 28 -4.56 16.18 5.23
N GLU A 29 -3.65 15.48 5.89
CA GLU A 29 -2.43 16.05 6.44
C GLU A 29 -1.29 15.17 5.95
N PHE A 30 -0.17 15.80 5.61
CA PHE A 30 1.03 15.05 5.26
C PHE A 30 2.00 15.17 6.42
N PRO A 31 2.30 14.10 7.15
CA PRO A 31 3.14 14.24 8.34
C PRO A 31 4.52 14.73 7.95
N GLU A 32 5.03 15.72 8.67
CA GLU A 32 6.27 16.33 8.24
C GLU A 32 7.52 15.67 8.81
N VAL A 33 7.41 14.92 9.91
CA VAL A 33 8.57 14.23 10.50
C VAL A 33 8.36 12.74 10.34
N TYR A 34 9.34 12.07 9.76
CA TYR A 34 9.29 10.62 9.59
C TYR A 34 9.52 9.92 10.91
N VAL A 35 8.55 9.12 11.33
CA VAL A 35 8.65 8.26 12.49
C VAL A 35 8.27 6.85 12.02
N PRO A 36 9.19 5.90 12.08
CA PRO A 36 8.82 4.54 11.70
C PRO A 36 7.64 4.05 12.52
N THR A 37 6.72 3.39 11.86
CA THR A 37 5.55 2.85 12.51
C THR A 37 5.87 1.57 13.24
N VAL A 38 5.20 1.37 14.37
CA VAL A 38 5.19 0.09 15.09
C VAL A 38 3.84 -0.58 14.88
N PHE A 39 2.74 0.10 15.22
CA PHE A 39 1.38 -0.41 15.02
C PHE A 39 0.43 0.78 15.14
N GLU A 40 -0.50 0.93 14.19
CA GLU A 40 -1.63 1.85 14.38
C GLU A 40 -2.87 1.31 13.68
N ASN A 41 -4.02 1.89 14.01
CA ASN A 41 -5.32 1.53 13.40
C ASN A 41 -6.13 2.83 13.35
N TYR A 42 -6.24 3.44 12.17
CA TYR A 42 -6.94 4.70 11.97
C TYR A 42 -8.36 4.43 11.50
N VAL A 43 -9.23 5.43 11.68
CA VAL A 43 -10.62 5.37 11.21
C VAL A 43 -10.77 6.27 9.98
N ALA A 44 -11.60 5.83 9.02
CA ALA A 44 -11.94 6.68 7.88
C ALA A 44 -13.31 6.25 7.37
N ASP A 45 -13.90 7.11 6.52
CA ASP A 45 -15.19 6.83 5.92
C ASP A 45 -15.11 7.13 4.44
N ILE A 46 -15.89 6.39 3.65
CA ILE A 46 -15.91 6.56 2.20
C ILE A 46 -17.24 6.03 1.69
N GLU A 47 -17.70 6.57 0.58
CA GLU A 47 -18.86 6.05 -0.13
C GLU A 47 -18.41 5.53 -1.47
N VAL A 48 -18.73 4.27 -1.77
CA VAL A 48 -18.33 3.65 -3.03
C VAL A 48 -19.53 2.89 -3.56
N ASP A 49 -19.87 3.13 -4.83
CA ASP A 49 -20.99 2.46 -5.50
C ASP A 49 -22.26 2.51 -4.64
N GLY A 50 -22.53 3.68 -4.08
CA GLY A 50 -23.72 3.85 -3.27
C GLY A 50 -23.70 3.19 -1.92
N LYS A 51 -22.55 2.64 -1.51
CA LYS A 51 -22.41 2.01 -0.21
C LYS A 51 -21.53 2.88 0.66
N GLN A 52 -22.00 3.19 1.86
CA GLN A 52 -21.22 3.92 2.85
C GLN A 52 -20.41 2.92 3.68
N VAL A 53 -19.09 3.12 3.73
CA VAL A 53 -18.18 2.18 4.36
C VAL A 53 -17.41 2.87 5.48
N GLU A 54 -17.40 2.23 6.64
CA GLU A 54 -16.59 2.62 7.79
C GLU A 54 -15.29 1.79 7.68
N LEU A 55 -14.22 2.45 7.25
CA LEU A 55 -12.94 1.79 7.03
C LEU A 55 -12.08 1.83 8.28
N ALA A 56 -11.49 0.70 8.60
CA ALA A 56 -10.41 0.65 9.56
C ALA A 56 -9.14 0.53 8.76
N LEU A 57 -8.18 1.42 9.02
CA LEU A 57 -6.93 1.46 8.28
C LEU A 57 -5.81 1.01 9.21
N TRP A 58 -5.33 -0.20 9.03
CA TRP A 58 -4.34 -0.82 9.90
C TRP A 58 -2.96 -0.56 9.31
N ASP A 59 -2.19 0.26 10.00
CA ASP A 59 -0.87 0.66 9.58
C ASP A 59 0.13 -0.27 10.24
N THR A 60 1.12 -0.75 9.50
CA THR A 60 2.06 -1.74 9.99
C THR A 60 3.49 -1.26 9.79
N ALA A 61 4.39 -1.94 10.50
CA ALA A 61 5.80 -1.64 10.41
C ALA A 61 6.41 -2.25 9.16
N GLY A 62 7.13 -1.44 8.39
CA GLY A 62 7.87 -2.00 7.29
C GLY A 62 9.18 -2.56 7.70
N LEU A 63 9.72 -2.15 8.86
CA LEU A 63 11.04 -2.58 9.28
C LEU A 63 10.98 -4.02 9.75
N GLU A 64 11.97 -4.80 9.34
CA GLU A 64 11.97 -6.21 9.67
C GLU A 64 12.20 -6.44 11.16
N ASP A 65 12.63 -5.42 11.90
CA ASP A 65 12.70 -5.53 13.37
C ASP A 65 11.35 -5.91 13.99
N TYR A 66 10.24 -5.57 13.31
CA TYR A 66 8.91 -5.79 13.85
C TYR A 66 8.22 -6.94 13.14
N ASP A 67 8.98 -7.83 12.51
CA ASP A 67 8.37 -8.95 11.79
C ASP A 67 7.52 -9.85 12.70
N ARG A 68 7.85 -9.94 13.98
CA ARG A 68 7.07 -10.84 14.84
C ARG A 68 5.74 -10.24 15.27
N LEU A 69 5.63 -8.93 15.29
CA LEU A 69 4.36 -8.34 15.69
CA LEU A 69 4.43 -8.20 15.68
C LEU A 69 3.45 -8.02 14.53
N ARG A 70 3.97 -7.89 13.31
CA ARG A 70 3.12 -7.56 12.17
C ARG A 70 1.95 -8.51 11.98
N PRO A 71 2.11 -9.83 12.11
CA PRO A 71 0.98 -10.73 11.82
C PRO A 71 -0.20 -10.53 12.74
N LEU A 72 -0.03 -9.88 13.89
CA LEU A 72 -1.17 -9.56 14.74
C LEU A 72 -2.17 -8.65 14.05
N SER A 73 -1.76 -7.92 13.00
CA SER A 73 -2.68 -7.07 12.28
C SER A 73 -3.53 -7.81 11.24
N TYR A 74 -3.16 -9.03 10.85
CA TYR A 74 -3.79 -9.65 9.69
C TYR A 74 -5.16 -10.29 9.85
N PRO A 75 -5.59 -10.79 11.01
CA PRO A 75 -6.88 -11.49 11.02
C PRO A 75 -8.04 -10.66 10.50
N ASP A 76 -8.91 -11.32 9.75
CA ASP A 76 -10.17 -10.74 9.34
C ASP A 76 -10.00 -9.50 8.45
N THR A 77 -8.95 -9.46 7.66
CA THR A 77 -8.73 -8.38 6.73
C THR A 77 -9.61 -8.53 5.50
N ASP A 78 -10.14 -7.40 5.01
CA ASP A 78 -10.94 -7.39 3.80
C ASP A 78 -10.17 -6.98 2.55
N VAL A 79 -9.11 -6.19 2.69
CA VAL A 79 -8.30 -5.77 1.55
C VAL A 79 -6.91 -5.40 2.06
N ILE A 80 -5.91 -5.73 1.26
CA ILE A 80 -4.51 -5.40 1.53
C ILE A 80 -4.05 -4.35 0.53
N LEU A 81 -3.39 -3.29 1.01
CA LEU A 81 -2.57 -2.43 0.16
C LEU A 81 -1.13 -2.90 0.31
N MET A 82 -0.53 -3.36 -0.76
CA MET A 82 0.85 -3.82 -0.74
C MET A 82 1.66 -2.78 -1.47
N CYS A 83 2.50 -2.05 -0.74
CA CYS A 83 3.15 -0.87 -1.27
C CYS A 83 4.62 -1.09 -1.54
N PHE A 84 5.12 -0.32 -2.52
CA PHE A 84 6.52 -0.10 -2.78
C PHE A 84 6.65 1.36 -3.17
N SER A 85 7.86 1.86 -3.34
CA SER A 85 7.99 3.23 -3.82
C SER A 85 8.78 3.28 -5.10
N VAL A 86 8.41 4.22 -5.98
N VAL A 86 8.39 4.25 -5.93
CA VAL A 86 9.01 4.21 -7.32
CA VAL A 86 8.91 4.38 -7.29
C VAL A 86 10.48 4.61 -7.29
C VAL A 86 10.41 4.65 -7.30
N ASP A 87 10.91 5.32 -6.26
CA ASP A 87 12.33 5.63 -6.17
C ASP A 87 13.17 4.48 -5.67
N SER A 88 12.57 3.34 -5.33
CA SER A 88 13.29 2.21 -4.72
C SER A 88 12.97 0.92 -5.46
N PRO A 89 13.74 0.60 -6.50
CA PRO A 89 13.52 -0.67 -7.18
C PRO A 89 13.59 -1.84 -6.21
N ASP A 90 14.42 -1.77 -5.17
CA ASP A 90 14.50 -2.90 -4.26
C ASP A 90 13.20 -3.09 -3.50
N SER A 91 12.47 -2.00 -3.22
CA SER A 91 11.20 -2.15 -2.54
C SER A 91 10.21 -2.93 -3.39
N LEU A 92 10.31 -2.83 -4.72
CA LEU A 92 9.52 -3.66 -5.61
C LEU A 92 10.01 -5.10 -5.60
N GLU A 93 11.33 -5.32 -5.63
CA GLU A 93 11.87 -6.69 -5.56
C GLU A 93 11.39 -7.39 -4.29
N ASN A 94 11.25 -6.65 -3.20
CA ASN A 94 10.86 -7.26 -1.94
C ASN A 94 9.40 -7.66 -1.89
N ILE A 95 8.61 -7.24 -2.87
CA ILE A 95 7.22 -7.67 -3.00
C ILE A 95 7.17 -9.19 -3.13
N PRO A 96 7.75 -9.81 -4.16
CA PRO A 96 7.70 -11.28 -4.21
C PRO A 96 8.60 -11.95 -3.16
N GLU A 97 9.67 -11.29 -2.73
CA GLU A 97 10.59 -11.95 -1.82
C GLU A 97 9.99 -12.11 -0.43
N LYS A 98 9.21 -11.12 0.01
CA LYS A 98 8.78 -11.04 1.40
C LYS A 98 7.29 -10.79 1.57
N TRP A 99 6.76 -9.76 0.91
CA TRP A 99 5.40 -9.34 1.25
C TRP A 99 4.37 -10.31 0.73
N VAL A 100 4.54 -10.78 -0.50
CA VAL A 100 3.58 -11.75 -1.05
C VAL A 100 3.57 -13.03 -0.22
N PRO A 101 4.70 -13.68 0.07
CA PRO A 101 4.60 -14.90 0.90
C PRO A 101 3.98 -14.63 2.24
N GLU A 102 4.28 -13.51 2.88
CA GLU A 102 3.73 -13.25 4.21
C GLU A 102 2.21 -13.09 4.14
N VAL A 103 1.73 -12.27 3.22
CA VAL A 103 0.29 -12.04 3.10
C VAL A 103 -0.45 -13.29 2.64
N LYS A 104 0.15 -14.08 1.75
CA LYS A 104 -0.51 -15.34 1.37
C LYS A 104 -0.61 -16.29 2.53
N HIS A 105 0.38 -16.32 3.42
CA HIS A 105 0.33 -17.18 4.59
C HIS A 105 -0.79 -16.78 5.54
N PHE A 106 -0.93 -15.49 5.83
CA PHE A 106 -1.84 -15.04 6.87
C PHE A 106 -3.16 -14.50 6.34
N CYS A 107 -3.25 -14.17 5.04
CA CYS A 107 -4.44 -13.54 4.47
C CYS A 107 -4.82 -14.23 3.16
N PRO A 108 -4.98 -15.55 3.19
CA PRO A 108 -5.37 -16.24 1.96
C PRO A 108 -6.70 -15.67 1.48
N ASN A 109 -6.81 -15.52 0.18
CA ASN A 109 -8.04 -15.10 -0.48
C ASN A 109 -8.46 -13.65 -0.20
N VAL A 110 -7.59 -12.82 0.36
CA VAL A 110 -7.89 -11.41 0.53
C VAL A 110 -7.36 -10.66 -0.68
N PRO A 111 -8.15 -9.80 -1.30
CA PRO A 111 -7.65 -9.06 -2.47
C PRO A 111 -6.49 -8.16 -2.11
N ILE A 112 -5.53 -8.06 -3.02
CA ILE A 112 -4.37 -7.20 -2.85
C ILE A 112 -4.37 -6.11 -3.91
N ILE A 113 -4.21 -4.86 -3.49
CA ILE A 113 -3.93 -3.77 -4.42
C ILE A 113 -2.43 -3.52 -4.35
N LEU A 114 -1.73 -3.65 -5.45
CA LEU A 114 -0.31 -3.30 -5.50
C LEU A 114 -0.25 -1.81 -5.77
N VAL A 115 0.41 -1.07 -4.88
CA VAL A 115 0.42 0.39 -4.92
C VAL A 115 1.84 0.90 -5.03
N ALA A 116 2.11 1.67 -6.07
CA ALA A 116 3.35 2.40 -6.24
C ALA A 116 3.22 3.76 -5.56
N ASN A 117 3.98 3.98 -4.51
CA ASN A 117 4.00 5.24 -3.79
C ASN A 117 5.09 6.16 -4.32
N LYS A 118 4.96 7.43 -3.95
CA LYS A 118 5.95 8.46 -4.24
C LYS A 118 6.13 8.66 -5.74
N LYS A 119 5.02 8.64 -6.48
CA LYS A 119 5.17 8.75 -7.93
C LYS A 119 5.72 10.08 -8.36
N ASP A 120 5.63 11.08 -7.50
CA ASP A 120 6.23 12.38 -7.73
C ASP A 120 7.72 12.31 -7.90
N LEU A 121 8.36 11.25 -7.46
CA LEU A 121 9.81 11.11 -7.58
C LEU A 121 10.24 10.44 -8.88
N ARG A 122 9.31 9.98 -9.71
CA ARG A 122 9.71 9.24 -10.92
C ARG A 122 10.60 10.07 -11.82
N SER A 123 10.34 11.36 -11.92
CA SER A 123 11.11 12.26 -12.79
C SER A 123 12.21 13.02 -12.04
N ASP A 124 12.41 12.75 -10.77
CA ASP A 124 13.35 13.51 -9.97
C ASP A 124 14.78 13.26 -10.45
N GLU A 125 15.51 14.35 -10.69
CA GLU A 125 16.84 14.19 -11.28
C GLU A 125 17.83 13.60 -10.30
N HIS A 126 17.69 13.90 -9.01
CA HIS A 126 18.60 13.30 -8.04
C HIS A 126 18.35 11.80 -7.90
N VAL A 127 17.09 11.41 -7.79
CA VAL A 127 16.76 9.98 -7.77
C VAL A 127 17.32 9.28 -9.02
N ARG A 128 17.10 9.86 -10.20
N ARG A 128 17.13 9.87 -10.19
CA ARG A 128 17.58 9.23 -11.42
CA ARG A 128 17.57 9.24 -11.43
C ARG A 128 19.09 9.07 -11.38
C ARG A 128 19.08 9.12 -11.49
N THR A 129 19.80 10.14 -11.02
CA THR A 129 21.27 10.09 -10.99
C THR A 129 21.74 8.99 -10.05
N GLU A 130 21.16 8.93 -8.86
CA GLU A 130 21.61 7.96 -7.86
C GLU A 130 21.35 6.52 -8.32
N LEU A 131 20.15 6.26 -8.86
CA LEU A 131 19.84 4.91 -9.32
C LEU A 131 20.69 4.52 -10.52
N ALA A 132 20.99 5.47 -11.40
CA ALA A 132 21.79 5.17 -12.58
C ALA A 132 23.19 4.68 -12.20
N ARG A 133 23.74 5.16 -11.08
CA ARG A 133 25.04 4.65 -10.63
C ARG A 133 25.01 3.17 -10.37
N MET A 134 23.87 2.63 -9.90
CA MET A 134 23.71 1.20 -9.69
C MET A 134 23.02 0.52 -10.87
N LYS A 135 23.04 1.15 -12.04
CA LYS A 135 22.43 0.60 -13.25
C LYS A 135 20.97 0.26 -13.01
N GLN A 136 20.26 1.21 -12.40
CA GLN A 136 18.83 1.10 -12.14
C GLN A 136 18.13 2.37 -12.61
N GLU A 137 16.81 2.37 -12.53
CA GLU A 137 15.99 3.52 -12.89
C GLU A 137 14.80 3.52 -11.95
N PRO A 138 14.11 4.65 -11.79
CA PRO A 138 12.85 4.62 -11.03
C PRO A 138 11.93 3.58 -11.64
N VAL A 139 11.08 2.96 -10.80
CA VAL A 139 10.20 1.92 -11.29
C VAL A 139 9.27 2.50 -12.35
N ARG A 140 9.24 1.86 -13.53
CA ARG A 140 8.29 2.19 -14.59
C ARG A 140 6.92 1.62 -14.31
N THR A 141 5.90 2.31 -14.82
CA THR A 141 4.54 1.82 -14.72
C THR A 141 4.41 0.41 -15.27
N ASP A 142 4.98 0.14 -16.44
CA ASP A 142 4.80 -1.19 -17.01
C ASP A 142 5.42 -2.27 -16.13
N ASP A 143 6.51 -1.97 -15.44
CA ASP A 143 7.10 -2.96 -14.53
C ASP A 143 6.24 -3.14 -13.28
N GLY A 144 5.64 -2.07 -12.76
CA GLY A 144 4.70 -2.24 -11.66
C GLY A 144 3.51 -3.08 -12.04
N ARG A 145 2.92 -2.78 -13.20
CA ARG A 145 1.79 -3.54 -13.67
C ARG A 145 2.18 -5.00 -13.88
N ALA A 146 3.35 -5.24 -14.46
CA ALA A 146 3.77 -6.63 -14.65
C ALA A 146 3.91 -7.36 -13.33
N MET A 147 4.44 -6.69 -12.30
CA MET A 147 4.50 -7.32 -10.99
C MET A 147 3.11 -7.65 -10.49
N ALA A 148 2.18 -6.72 -10.67
CA ALA A 148 0.80 -6.95 -10.24
C ALA A 148 0.23 -8.21 -10.88
N VAL A 149 0.45 -8.38 -12.17
CA VAL A 149 -0.02 -9.58 -12.86
C VAL A 149 0.66 -10.82 -12.28
N ARG A 150 1.99 -10.76 -12.12
CA ARG A 150 2.76 -11.87 -11.57
C ARG A 150 2.23 -12.32 -10.21
N ILE A 151 1.91 -11.38 -9.32
CA ILE A 151 1.51 -11.71 -7.96
C ILE A 151 0.01 -11.87 -7.86
N GLN A 152 -0.71 -11.76 -8.96
CA GLN A 152 -2.17 -11.96 -8.98
C GLN A 152 -2.93 -10.90 -8.18
N ALA A 153 -2.44 -9.67 -8.21
CA ALA A 153 -3.11 -8.61 -7.49
C ALA A 153 -4.46 -8.32 -8.13
N TYR A 154 -5.38 -7.80 -7.32
CA TYR A 154 -6.67 -7.31 -7.80
C TYR A 154 -6.49 -6.13 -8.74
N ASP A 155 -5.59 -5.22 -8.41
CA ASP A 155 -5.32 -4.09 -9.28
C ASP A 155 -3.95 -3.53 -8.95
N TYR A 156 -3.48 -2.62 -9.81
CA TYR A 156 -2.24 -1.90 -9.67
C TYR A 156 -2.55 -0.41 -9.80
N LEU A 157 -2.12 0.39 -8.84
CA LEU A 157 -2.39 1.83 -8.85
C LEU A 157 -1.14 2.56 -8.39
N GLU A 158 -0.97 3.78 -8.87
CA GLU A 158 0.16 4.62 -8.48
C GLU A 158 -0.36 5.87 -7.80
N CYS A 159 0.42 6.43 -6.89
CA CYS A 159 -0.02 7.64 -6.19
C CYS A 159 1.17 8.41 -5.67
N SER A 160 0.89 9.63 -5.23
CA SER A 160 1.81 10.44 -4.44
C SER A 160 1.05 10.98 -3.26
N ALA A 161 1.40 10.55 -2.06
CA ALA A 161 0.84 11.18 -0.87
C ALA A 161 1.24 12.64 -0.80
N LYS A 162 2.42 12.95 -1.28
CA LYS A 162 2.95 14.30 -1.16
C LYS A 162 2.14 15.31 -1.96
N THR A 163 1.75 14.98 -3.19
CA THR A 163 0.94 15.90 -3.99
C THR A 163 -0.54 15.56 -3.94
N LYS A 164 -0.88 14.38 -3.47
CA LYS A 164 -2.21 13.78 -3.41
C LYS A 164 -2.60 13.09 -4.71
N GLU A 165 -1.80 13.16 -5.76
CA GLU A 165 -2.16 12.53 -7.01
C GLU A 165 -2.49 11.06 -6.79
N GLY A 166 -3.66 10.63 -7.24
CA GLY A 166 -4.03 9.23 -7.21
C GLY A 166 -4.45 8.67 -5.87
N VAL A 167 -4.39 9.43 -4.78
CA VAL A 167 -4.65 8.88 -3.46
C VAL A 167 -6.10 8.44 -3.33
N ARG A 168 -7.04 9.27 -3.73
CA ARG A 168 -8.44 8.91 -3.58
C ARG A 168 -8.73 7.61 -4.32
N GLU A 169 -8.19 7.46 -5.53
CA GLU A 169 -8.46 6.29 -6.35
C GLU A 169 -7.95 5.03 -5.67
N VAL A 170 -6.80 5.08 -4.97
CA VAL A 170 -6.31 3.90 -4.26
C VAL A 170 -7.36 3.40 -3.29
N PHE A 171 -7.94 4.31 -2.49
CA PHE A 171 -8.91 3.92 -1.48
C PHE A 171 -10.27 3.59 -2.06
N GLU A 172 -10.69 4.22 -3.15
CA GLU A 172 -11.92 3.79 -3.81
C GLU A 172 -11.79 2.36 -4.32
N THR A 173 -10.70 2.06 -5.00
CA THR A 173 -10.49 0.72 -5.54
C THR A 173 -10.33 -0.30 -4.42
N ALA A 174 -9.59 0.04 -3.38
CA ALA A 174 -9.45 -0.90 -2.27
C ALA A 174 -10.80 -1.19 -1.63
N THR A 175 -11.63 -0.17 -1.47
CA THR A 175 -12.94 -0.37 -0.88
C THR A 175 -13.83 -1.23 -1.77
N ARG A 176 -13.79 -1.01 -3.07
CA ARG A 176 -14.52 -1.88 -3.98
C ARG A 176 -14.03 -3.32 -3.86
N ALA A 177 -12.72 -3.53 -3.82
CA ALA A 177 -12.19 -4.88 -3.61
C ALA A 177 -12.70 -5.50 -2.32
N ALA A 178 -12.72 -4.72 -1.24
CA ALA A 178 -13.17 -5.23 0.04
C ALA A 178 -14.64 -5.62 -0.03
N LEU A 179 -15.44 -4.83 -0.72
CA LEU A 179 -16.86 -5.12 -0.84
C LEU A 179 -17.12 -6.38 -1.64
N GLN A 180 -16.26 -6.76 -2.57
CA GLN A 180 -16.49 -7.92 -3.43
C GLN A 180 -15.75 -9.15 -2.97
N LYS A 181 -15.10 -9.11 -1.80
N LYS A 181 -15.10 -9.11 -1.80
CA LYS A 181 -14.31 -10.23 -1.34
CA LYS A 181 -14.32 -10.23 -1.32
C LYS A 181 -15.19 -11.46 -1.24
C LYS A 181 -15.20 -11.46 -1.25
N ARG A 182 -14.67 -12.58 -1.73
CA ARG A 182 -15.38 -13.84 -1.76
CA ARG A 182 -15.40 -13.84 -1.75
C ARG A 182 -14.77 -14.81 -0.75
N TYR A 183 -15.60 -15.77 -0.33
CA TYR A 183 -15.25 -16.67 0.76
C TYR A 183 -15.23 -18.13 0.32
PG GTP B . 7.56 2.62 8.13
O1G GTP B . 6.53 3.06 9.06
O2G GTP B . 7.31 1.27 7.50
O3G GTP B . 8.99 2.72 8.73
O3B GTP B . 7.59 3.71 6.90
PB GTP B . 6.37 4.14 5.96
O1B GTP B . 5.18 4.41 6.80
O2B GTP B . 6.21 3.18 4.79
O3A GTP B . 6.90 5.54 5.33
PA GTP B . 6.29 7.02 5.60
O1A GTP B . 4.93 7.13 5.01
O2A GTP B . 6.50 7.38 7.04
O5' GTP B . 7.27 7.89 4.62
C5' GTP B . 8.64 7.71 4.73
C4' GTP B . 9.39 8.93 4.24
O4' GTP B . 8.95 9.13 2.73
C3' GTP B . 9.10 10.12 4.82
O3' GTP B . 10.32 11.01 4.79
C2' GTP B . 8.01 10.83 4.02
O2' GTP B . 7.94 12.21 4.10
C1' GTP B . 8.41 10.36 2.60
N9 GTP B . 7.22 10.25 1.71
C8 GTP B . 6.06 9.62 2.01
N7 GTP B . 5.19 9.69 0.99
C5 GTP B . 5.84 10.40 0.06
C6 GTP B . 5.42 10.78 -1.32
O6 GTP B . 4.37 10.57 -1.84
N1 GTP B . 6.44 11.47 -2.00
C2 GTP B . 7.68 11.76 -1.49
N2 GTP B . 8.57 12.46 -2.31
N3 GTP B . 8.11 11.44 -0.23
C4 GTP B . 7.11 10.75 0.46
H5' GTP B . 8.87 7.54 5.65
H5'' GTP B . 8.90 6.95 4.18
H4' GTP B . 10.34 8.80 4.39
H3' GTP B . 8.78 9.92 5.72
H2' GTP B . 7.13 10.55 4.33
HO2' GTP B . 7.13 12.42 4.29
H1' GTP B . 9.06 11.00 2.25
H8 GTP B . 5.65 9.15 2.70
HN1 GTP B . 6.27 11.75 -2.80
HN21 GTP B . 9.35 12.66 -2.01
HN22 GTP B . 8.35 12.72 -3.11
MG MG C . 4.79 4.08 8.76
MG MG D . -6.53 13.41 -8.55
#